data_7L82
#
_entry.id   7L82
#
_cell.length_a   97.237
_cell.length_b   97.237
_cell.length_c   66.173
_cell.angle_alpha   90.000
_cell.angle_beta   90.000
_cell.angle_gamma   120.000
#
_symmetry.space_group_name_H-M   'H 3'
#
loop_
_entity.id
_entity.type
_entity.pdbx_description
1 polymer 'Putative acetyl transferase protein'
2 non-polymer '[(2~{R},3~{R},4~{S},5~{S},6~{R})-3-acetamido-5-[[(1~{S})-1-[2-[3-[[(2~{R})-4-[[[(2~{R},3~{S},4~{R},5~{R})-5-(6-aminopurin-9-yl)-4-oxidanyl-3-phosphonooxy-oxolan-2-yl]methoxy-oxidanyl-phosphoryl]oxy-oxidanyl-phosphoryl]oxy-3,3-dimethyl-2-oxidanyl-butanoyl]amino]propanoylamino]ethylsulfanyl]-1-oxidanyl-ethyl]amino]-6-methyl-4-oxidanyl-oxan-2-yl] [[(2~{R},3~{S},4~{R},5~{R})-5-[2,4-bis(oxidanylidene)pyrimidin-1-yl]-3,4-bis(oxidanyl)oxolan-2-yl]methoxy-oxidanyl-phosphoryl] hydrogen phosphate'
3 non-polymer 'CHLORIDE ION'
4 non-polymer (4S)-2-METHYL-2,4-PENTANEDIOL
5 water water
#
_entity_poly.entity_id   1
_entity_poly.type   'polypeptide(L)'
_entity_poly.pdbx_seq_one_letter_code
;GGGHMSKVFAVYGASGCGRSLMPVANEQLRILEGDTDSQIVFIDDALDDNITVNGYTAMNYTKFKSIKNDDKFVLIAIAN
SSIRQKIADKLVKDGISLWTVQGMTTLIMDEVSIDAGAALSPFVTIAANVTIGKCFHANLYSYVEHDCIIGDYVTFAPRV
SCNGNIHIHDHAYIGTGAVIKQGTPDKPLIIGKGAIVGMGAVVTKEVPAGAVVIGNPARLLNK
;
_entity_poly.pdbx_strand_id   AAA
#
# COMPACT_ATOMS: atom_id res chain seq x y z
N SER A 6 -4.31 -26.04 1.43
CA SER A 6 -5.34 -25.16 0.76
C SER A 6 -5.29 -23.75 1.38
N LYS A 7 -5.71 -22.76 0.59
CA LYS A 7 -5.63 -21.34 0.98
C LYS A 7 -6.80 -20.57 0.40
N VAL A 8 -7.18 -19.46 1.06
CA VAL A 8 -8.17 -18.48 0.51
C VAL A 8 -7.53 -17.08 0.57
N PHE A 9 -7.70 -16.35 -0.53
CA PHE A 9 -7.13 -14.98 -0.68
C PHE A 9 -8.28 -14.00 -0.73
N ALA A 10 -7.98 -12.76 -0.35
CA ALA A 10 -8.94 -11.66 -0.50
C ALA A 10 -8.25 -10.32 -0.67
N VAL A 11 -9.03 -9.46 -1.32
CA VAL A 11 -8.73 -8.00 -1.39
C VAL A 11 -9.81 -7.33 -0.53
N TYR A 12 -9.38 -6.69 0.53
CA TYR A 12 -10.27 -5.99 1.49
C TYR A 12 -10.50 -4.57 0.97
N GLY A 13 -11.71 -4.27 0.53
CA GLY A 13 -12.12 -3.02 -0.13
C GLY A 13 -12.46 -3.28 -1.56
N ALA A 14 -13.71 -3.05 -1.95
CA ALA A 14 -14.18 -3.31 -3.31
C ALA A 14 -14.53 -2.01 -4.02
N SER A 15 -14.03 -0.88 -3.51
CA SER A 15 -14.19 0.45 -4.14
CA SER A 15 -14.22 0.42 -4.18
C SER A 15 -13.04 0.68 -5.13
N GLY A 16 -12.68 1.92 -5.42
CA GLY A 16 -11.68 2.15 -6.49
C GLY A 16 -10.36 1.56 -6.17
N CYS A 17 -9.89 1.65 -4.93
CA CYS A 17 -8.56 1.14 -4.56
C CYS A 17 -8.54 -0.38 -4.83
N GLY A 18 -9.54 -1.09 -4.33
CA GLY A 18 -9.62 -2.55 -4.44
C GLY A 18 -9.79 -3.00 -5.87
N ARG A 19 -10.68 -2.35 -6.60
CA ARG A 19 -10.97 -2.81 -7.97
C ARG A 19 -9.76 -2.62 -8.89
N SER A 20 -8.92 -1.63 -8.63
CA SER A 20 -7.64 -1.42 -9.38
C SER A 20 -6.50 -2.26 -8.81
N LEU A 21 -6.66 -2.83 -7.61
CA LEU A 21 -5.66 -3.78 -7.08
C LEU A 21 -5.99 -5.25 -7.35
N MET A 22 -7.26 -5.59 -7.51
CA MET A 22 -7.60 -7.00 -7.76
C MET A 22 -6.82 -7.63 -8.92
N PRO A 23 -6.66 -6.97 -10.08
CA PRO A 23 -5.84 -7.56 -11.15
C PRO A 23 -4.39 -7.81 -10.70
N VAL A 24 -3.89 -6.92 -9.83
CA VAL A 24 -2.52 -7.05 -9.30
C VAL A 24 -2.42 -8.24 -8.36
N ALA A 25 -3.41 -8.41 -7.50
CA ALA A 25 -3.49 -9.57 -6.61
C ALA A 25 -3.59 -10.85 -7.45
N ASN A 26 -4.30 -10.81 -8.55
CA ASN A 26 -4.30 -11.99 -9.46
C ASN A 26 -2.93 -12.21 -10.11
N GLU A 27 -2.19 -11.19 -10.49
CA GLU A 27 -0.80 -11.41 -11.00
C GLU A 27 0.03 -12.06 -9.90
N GLN A 28 -0.03 -11.53 -8.69
CA GLN A 28 0.74 -12.05 -7.54
C GLN A 28 0.40 -13.54 -7.35
N LEU A 29 -0.89 -13.87 -7.30
CA LEU A 29 -1.33 -15.23 -6.94
C LEU A 29 -1.15 -16.22 -8.10
N ARG A 30 -1.63 -15.90 -9.29
CA ARG A 30 -1.68 -16.82 -10.46
C ARG A 30 -0.29 -16.95 -11.07
N ILE A 31 0.51 -15.89 -11.09
CA ILE A 31 1.79 -15.91 -11.86
CA ILE A 31 1.80 -15.90 -11.85
C ILE A 31 2.97 -15.97 -10.87
N LEU A 32 3.13 -14.97 -10.01
CA LEU A 32 4.33 -14.97 -9.14
C LEU A 32 4.29 -16.12 -8.13
N GLU A 33 3.13 -16.53 -7.63
CA GLU A 33 3.06 -17.67 -6.69
C GLU A 33 2.72 -18.96 -7.46
N GLY A 34 2.33 -18.87 -8.73
CA GLY A 34 2.00 -20.05 -9.57
C GLY A 34 0.80 -20.83 -9.07
N ASP A 35 -0.16 -20.14 -8.41
CA ASP A 35 -1.30 -20.77 -7.71
C ASP A 35 -2.54 -20.55 -8.58
N THR A 36 -2.96 -21.57 -9.34
CA THR A 36 -4.20 -21.54 -10.16
C THR A 36 -5.34 -22.22 -9.39
N ASP A 37 -5.13 -22.66 -8.15
CA ASP A 37 -6.09 -23.46 -7.34
C ASP A 37 -6.86 -22.56 -6.34
N SER A 38 -6.17 -21.66 -5.64
CA SER A 38 -6.78 -20.93 -4.49
C SER A 38 -7.80 -19.93 -5.02
N GLN A 39 -8.91 -19.77 -4.28
CA GLN A 39 -9.93 -18.76 -4.61
C GLN A 39 -9.48 -17.40 -4.06
N ILE A 40 -9.90 -16.38 -4.77
CA ILE A 40 -9.69 -14.98 -4.34
C ILE A 40 -11.03 -14.28 -4.40
N VAL A 41 -11.35 -13.55 -3.34
CA VAL A 41 -12.61 -12.81 -3.24
C VAL A 41 -12.34 -11.35 -2.81
N PHE A 42 -13.37 -10.54 -2.92
CA PHE A 42 -13.40 -9.22 -2.23
C PHE A 42 -14.03 -9.34 -0.85
N ILE A 43 -13.52 -8.59 0.10
CA ILE A 43 -14.21 -8.33 1.38
C ILE A 43 -14.63 -6.86 1.36
N ASP A 44 -15.88 -6.55 1.64
CA ASP A 44 -16.28 -5.15 1.83
C ASP A 44 -17.43 -5.14 2.85
N ASP A 45 -17.25 -4.34 3.90
CA ASP A 45 -18.22 -4.28 5.01
C ASP A 45 -19.44 -3.45 4.65
N ALA A 46 -19.48 -2.84 3.47
CA ALA A 46 -20.73 -2.20 2.97
C ALA A 46 -21.74 -3.26 2.56
N LEU A 47 -21.31 -4.52 2.42
CA LEU A 47 -22.16 -5.57 1.87
C LEU A 47 -22.93 -6.23 3.04
N ASP A 48 -24.18 -6.54 2.76
CA ASP A 48 -24.99 -7.40 3.65
C ASP A 48 -25.00 -8.80 3.01
N ASP A 49 -25.69 -8.93 1.91
CA ASP A 49 -25.70 -10.16 1.09
C ASP A 49 -24.46 -10.13 0.17
N ASN A 50 -23.90 -11.29 -0.09
CA ASN A 50 -22.83 -11.41 -1.11
C ASN A 50 -23.31 -10.90 -2.46
N ILE A 51 -22.37 -10.32 -3.21
CA ILE A 51 -22.62 -9.88 -4.60
C ILE A 51 -21.38 -10.30 -5.41
N THR A 52 -21.37 -9.96 -6.68
CA THR A 52 -20.13 -10.07 -7.49
C THR A 52 -19.72 -8.67 -7.87
N VAL A 53 -18.40 -8.48 -7.86
CA VAL A 53 -17.73 -7.22 -8.29
C VAL A 53 -16.71 -7.63 -9.35
N ASN A 54 -16.92 -7.18 -10.59
CA ASN A 54 -15.99 -7.50 -11.71
C ASN A 54 -15.74 -8.99 -11.80
N GLY A 55 -16.77 -9.80 -11.54
CA GLY A 55 -16.66 -11.24 -11.75
C GLY A 55 -16.07 -12.00 -10.59
N TYR A 56 -15.87 -11.34 -9.45
CA TYR A 56 -15.33 -11.97 -8.22
C TYR A 56 -16.45 -11.92 -7.18
N THR A 57 -16.62 -12.97 -6.43
CA THR A 57 -17.46 -12.95 -5.22
C THR A 57 -16.97 -11.88 -4.25
N ALA A 58 -17.90 -11.11 -3.70
CA ALA A 58 -17.62 -10.05 -2.72
C ALA A 58 -18.53 -10.24 -1.50
N MET A 59 -17.95 -10.23 -0.33
CA MET A 59 -18.72 -10.53 0.91
C MET A 59 -18.23 -9.61 2.01
N ASN A 60 -19.02 -9.49 3.06
CA ASN A 60 -18.52 -8.78 4.26
C ASN A 60 -17.58 -9.62 5.10
N TYR A 61 -16.95 -8.96 6.08
CA TYR A 61 -15.88 -9.60 6.88
C TYR A 61 -16.47 -10.73 7.74
N THR A 62 -17.69 -10.55 8.23
CA THR A 62 -18.40 -11.60 9.02
C THR A 62 -18.40 -12.88 8.19
N LYS A 63 -18.81 -12.79 6.94
CA LYS A 63 -18.88 -13.95 6.03
C LYS A 63 -17.48 -14.50 5.75
N PHE A 64 -16.50 -13.62 5.54
CA PHE A 64 -15.14 -14.09 5.22
C PHE A 64 -14.57 -14.89 6.42
N LYS A 65 -14.81 -14.40 7.62
CA LYS A 65 -14.36 -15.08 8.86
C LYS A 65 -14.99 -16.47 8.94
N SER A 66 -16.22 -16.61 8.48
CA SER A 66 -17.03 -17.85 8.61
C SER A 66 -16.48 -18.92 7.69
N ILE A 67 -15.77 -18.57 6.60
CA ILE A 67 -15.17 -19.56 5.66
C ILE A 67 -14.32 -20.56 6.46
N LYS A 68 -14.51 -21.86 6.20
CA LYS A 68 -13.80 -22.91 6.97
C LYS A 68 -12.50 -23.21 6.24
N ASN A 69 -11.51 -22.38 6.49
CA ASN A 69 -10.14 -22.52 5.96
C ASN A 69 -9.23 -21.95 7.02
N ASP A 70 -8.17 -22.67 7.36
CA ASP A 70 -7.26 -22.20 8.41
C ASP A 70 -6.28 -21.19 7.81
N ASP A 71 -6.25 -21.03 6.47
CA ASP A 71 -5.10 -20.37 5.80
C ASP A 71 -5.63 -19.26 4.90
N LYS A 72 -5.91 -18.10 5.50
CA LYS A 72 -6.50 -16.94 4.81
C LYS A 72 -5.40 -15.87 4.69
N PHE A 73 -5.42 -15.20 3.55
CA PHE A 73 -4.40 -14.18 3.18
C PHE A 73 -5.17 -13.00 2.62
N VAL A 74 -4.88 -11.82 3.17
CA VAL A 74 -5.65 -10.62 2.82
C VAL A 74 -4.72 -9.44 2.47
N LEU A 75 -5.01 -8.85 1.31
CA LEU A 75 -4.43 -7.55 0.94
C LEU A 75 -5.45 -6.47 1.32
N ILE A 76 -5.07 -5.51 2.14
CA ILE A 76 -5.99 -4.42 2.51
C ILE A 76 -5.86 -3.32 1.44
N ALA A 77 -6.89 -3.11 0.66
CA ALA A 77 -6.93 -2.16 -0.49
C ALA A 77 -7.90 -1.03 -0.09
N ILE A 78 -7.54 -0.34 0.97
CA ILE A 78 -8.24 0.87 1.48
C ILE A 78 -7.15 1.90 1.70
N ALA A 79 -7.23 2.99 0.97
CA ALA A 79 -6.15 4.00 0.93
C ALA A 79 -6.03 4.74 2.26
N ASN A 80 -7.14 4.96 2.95
CA ASN A 80 -7.12 5.68 4.25
C ASN A 80 -6.36 4.82 5.26
N SER A 81 -5.25 5.35 5.75
CA SER A 81 -4.30 4.54 6.53
C SER A 81 -4.82 4.26 7.95
N SER A 82 -5.67 5.13 8.49
CA SER A 82 -6.28 4.88 9.82
CA SER A 82 -6.29 4.88 9.81
CA SER A 82 -6.30 4.89 9.81
C SER A 82 -7.23 3.67 9.71
N ILE A 83 -8.00 3.59 8.64
CA ILE A 83 -8.86 2.40 8.40
C ILE A 83 -7.92 1.20 8.18
N ARG A 84 -6.88 1.37 7.38
CA ARG A 84 -6.03 0.22 7.05
C ARG A 84 -5.43 -0.37 8.31
N GLN A 85 -4.95 0.46 9.23
CA GLN A 85 -4.33 -0.03 10.48
C GLN A 85 -5.43 -0.76 11.31
N LYS A 86 -6.59 -0.17 11.42
CA LYS A 86 -7.68 -0.80 12.21
C LYS A 86 -7.97 -2.19 11.64
N ILE A 87 -8.08 -2.31 10.31
CA ILE A 87 -8.38 -3.63 9.70
CA ILE A 87 -8.37 -3.62 9.67
C ILE A 87 -7.19 -4.58 9.90
N ALA A 88 -5.96 -4.12 9.72
CA ALA A 88 -4.78 -4.99 9.86
C ALA A 88 -4.74 -5.58 11.27
N ASP A 89 -5.06 -4.78 12.27
CA ASP A 89 -4.99 -5.24 13.67
C ASP A 89 -6.10 -6.26 13.89
N LYS A 90 -7.27 -6.04 13.32
CA LYS A 90 -8.39 -6.99 13.40
C LYS A 90 -7.98 -8.32 12.76
N LEU A 91 -7.41 -8.27 11.55
CA LEU A 91 -7.04 -9.50 10.81
C LEU A 91 -6.05 -10.31 11.64
N VAL A 92 -5.03 -9.66 12.17
CA VAL A 92 -3.94 -10.36 12.86
C VAL A 92 -4.53 -11.01 14.11
N LYS A 93 -5.41 -10.31 14.80
CA LYS A 93 -6.09 -10.79 16.05
C LYS A 93 -6.97 -12.00 15.73
N ASP A 94 -7.55 -12.06 14.53
CA ASP A 94 -8.43 -13.17 14.05
C ASP A 94 -7.58 -14.27 13.38
N GLY A 95 -6.26 -14.20 13.46
CA GLY A 95 -5.37 -15.25 12.93
C GLY A 95 -5.38 -15.30 11.40
N ILE A 96 -5.67 -14.16 10.76
CA ILE A 96 -5.63 -14.08 9.28
C ILE A 96 -4.32 -13.39 8.90
N SER A 97 -3.65 -13.88 7.85
CA SER A 97 -2.34 -13.35 7.40
C SER A 97 -2.54 -12.11 6.52
N LEU A 98 -1.72 -11.11 6.76
CA LEU A 98 -1.55 -9.99 5.80
C LEU A 98 -0.74 -10.50 4.60
N TRP A 99 -1.07 -10.04 3.42
CA TRP A 99 -0.56 -10.60 2.15
C TRP A 99 -0.01 -9.45 1.32
N THR A 100 1.28 -9.45 1.06
CA THR A 100 1.88 -8.51 0.08
C THR A 100 1.54 -8.93 -1.34
N VAL A 101 1.16 -7.95 -2.16
CA VAL A 101 0.92 -8.16 -3.58
C VAL A 101 1.84 -7.22 -4.36
N GLN A 102 2.38 -7.71 -5.46
CA GLN A 102 3.05 -6.86 -6.46
C GLN A 102 2.62 -7.33 -7.84
N GLY A 103 2.79 -6.46 -8.82
CA GLY A 103 2.52 -6.78 -10.22
C GLY A 103 3.70 -7.42 -10.91
N MET A 104 3.45 -7.95 -12.07
CA MET A 104 4.50 -8.50 -12.96
CA MET A 104 4.52 -8.52 -12.93
C MET A 104 5.52 -7.41 -13.35
N THR A 105 5.10 -6.16 -13.41
CA THR A 105 6.02 -5.05 -13.77
C THR A 105 6.52 -4.30 -12.53
N THR A 106 6.24 -4.76 -11.31
CA THR A 106 6.83 -4.18 -10.10
C THR A 106 8.30 -4.60 -9.97
N LEU A 107 9.22 -3.64 -9.88
CA LEU A 107 10.68 -3.92 -9.79
C LEU A 107 11.15 -3.73 -8.37
N ILE A 108 11.70 -4.79 -7.79
CA ILE A 108 12.29 -4.76 -6.43
C ILE A 108 13.79 -5.00 -6.62
N MET A 109 14.61 -4.08 -6.09
CA MET A 109 16.07 -4.16 -6.22
C MET A 109 16.68 -4.86 -4.99
N ASP A 110 17.97 -4.68 -4.78
CA ASP A 110 18.74 -5.48 -3.81
C ASP A 110 18.51 -5.01 -2.40
N GLU A 111 18.53 -5.94 -1.45
CA GLU A 111 18.50 -5.63 -0.01
C GLU A 111 17.32 -4.73 0.35
N VAL A 112 16.16 -5.11 -0.11
CA VAL A 112 14.89 -4.44 0.20
C VAL A 112 14.12 -5.27 1.24
N SER A 113 13.64 -4.61 2.25
CA SER A 113 12.82 -5.22 3.31
C SER A 113 11.45 -4.54 3.30
N ILE A 114 10.38 -5.31 3.15
CA ILE A 114 9.01 -4.75 3.10
C ILE A 114 8.17 -5.60 4.04
N ASP A 115 7.55 -5.00 5.04
CA ASP A 115 6.64 -5.77 5.95
C ASP A 115 5.44 -6.30 5.21
N ALA A 116 4.84 -7.37 5.73
CA ALA A 116 3.69 -8.03 5.11
C ALA A 116 2.52 -7.06 4.92
N GLY A 117 1.82 -7.26 3.83
CA GLY A 117 0.57 -6.55 3.55
C GLY A 117 0.73 -5.36 2.65
N ALA A 118 1.88 -5.18 2.01
CA ALA A 118 2.04 -4.08 1.04
C ALA A 118 1.21 -4.28 -0.22
N ALA A 119 0.71 -3.20 -0.78
CA ALA A 119 0.08 -3.15 -2.10
C ALA A 119 1.05 -2.41 -3.03
N LEU A 120 1.77 -3.18 -3.84
CA LEU A 120 2.81 -2.63 -4.72
C LEU A 120 2.27 -2.70 -6.16
N SER A 121 1.82 -1.59 -6.67
CA SER A 121 1.15 -1.58 -7.98
C SER A 121 2.11 -1.83 -9.14
N PRO A 122 1.54 -2.12 -10.32
CA PRO A 122 2.29 -2.11 -11.58
C PRO A 122 3.15 -0.85 -11.72
N PHE A 123 4.31 -1.07 -12.34
CA PHE A 123 5.27 -0.03 -12.73
C PHE A 123 5.91 0.62 -11.52
N VAL A 124 5.76 0.06 -10.33
CA VAL A 124 6.43 0.56 -9.10
C VAL A 124 7.85 0.06 -9.05
N THR A 125 8.78 0.92 -8.62
CA THR A 125 10.15 0.53 -8.35
C THR A 125 10.42 0.75 -6.87
N ILE A 126 10.96 -0.27 -6.20
CA ILE A 126 11.54 -0.14 -4.86
C ILE A 126 13.03 -0.43 -5.01
N ALA A 127 13.82 0.61 -4.89
CA ALA A 127 15.24 0.59 -5.28
C ALA A 127 16.11 0.08 -4.12
N ALA A 128 17.42 0.21 -4.31
CA ALA A 128 18.36 -0.51 -3.44
C ALA A 128 18.29 -0.07 -2.00
N ASN A 129 18.41 -1.05 -1.11
CA ASN A 129 18.66 -0.80 0.35
C ASN A 129 17.54 0.01 0.97
N VAL A 130 16.30 -0.27 0.57
CA VAL A 130 15.07 0.36 1.12
C VAL A 130 14.49 -0.51 2.21
N THR A 131 13.96 0.12 3.26
CA THR A 131 13.21 -0.54 4.33
C THR A 131 11.82 0.08 4.40
N ILE A 132 10.79 -0.73 4.38
CA ILE A 132 9.35 -0.32 4.39
C ILE A 132 8.61 -1.07 5.49
N GLY A 133 7.83 -0.31 6.23
CA GLY A 133 7.00 -0.86 7.31
C GLY A 133 5.67 -1.41 6.84
N LYS A 134 4.70 -1.45 7.77
CA LYS A 134 3.42 -2.18 7.69
CA LYS A 134 3.47 -2.24 7.63
C LYS A 134 2.53 -1.65 6.55
N CYS A 135 1.86 -2.54 5.82
CA CYS A 135 0.76 -2.23 4.86
C CYS A 135 1.04 -0.94 4.06
N PHE A 136 2.19 -0.92 3.41
CA PHE A 136 2.53 0.19 2.52
C PHE A 136 1.65 0.13 1.29
N HIS A 137 1.16 1.29 0.85
CA HIS A 137 0.52 1.43 -0.47
C HIS A 137 1.46 2.18 -1.40
N ALA A 138 1.89 1.53 -2.50
CA ALA A 138 2.66 2.21 -3.59
C ALA A 138 1.82 2.10 -4.83
N ASN A 139 1.04 3.12 -5.09
CA ASN A 139 0.16 3.13 -6.27
C ASN A 139 1.00 3.27 -7.55
N LEU A 140 0.30 3.08 -8.66
CA LEU A 140 0.87 2.91 -10.01
C LEU A 140 2.01 3.90 -10.25
N TYR A 141 3.13 3.38 -10.74
CA TYR A 141 4.28 4.19 -11.22
C TYR A 141 5.09 4.79 -10.07
N SER A 142 4.72 4.63 -8.82
CA SER A 142 5.51 5.24 -7.73
C SER A 142 6.88 4.59 -7.64
N TYR A 143 7.84 5.32 -7.11
CA TYR A 143 9.13 4.73 -6.75
C TYR A 143 9.59 5.20 -5.37
N VAL A 144 10.36 4.31 -4.76
CA VAL A 144 11.12 4.63 -3.54
C VAL A 144 12.60 4.30 -3.83
N GLU A 145 13.40 5.34 -3.84
CA GLU A 145 14.82 5.19 -4.24
C GLU A 145 15.72 4.87 -3.05
N HIS A 146 16.99 4.77 -3.36
CA HIS A 146 17.99 4.13 -2.48
C HIS A 146 17.98 4.68 -1.06
N ASP A 147 18.07 3.78 -0.08
CA ASP A 147 18.40 4.13 1.33
C ASP A 147 17.20 4.78 2.02
N CYS A 148 16.01 4.77 1.45
CA CYS A 148 14.85 5.32 2.14
C CYS A 148 14.41 4.39 3.27
N ILE A 149 13.79 4.99 4.27
CA ILE A 149 13.12 4.24 5.35
C ILE A 149 11.69 4.74 5.42
N ILE A 150 10.75 3.87 5.09
CA ILE A 150 9.32 4.21 5.08
C ILE A 150 8.72 3.53 6.32
N GLY A 151 7.94 4.27 7.11
CA GLY A 151 7.32 3.69 8.29
C GLY A 151 6.07 2.90 8.02
N ASP A 152 5.16 2.88 8.98
CA ASP A 152 3.98 2.00 8.94
C ASP A 152 2.80 2.77 8.39
N TYR A 153 1.99 2.09 7.59
CA TYR A 153 0.72 2.62 7.07
C TYR A 153 0.97 3.94 6.29
N VAL A 154 2.05 3.95 5.50
CA VAL A 154 2.32 5.07 4.58
C VAL A 154 1.55 4.78 3.29
N THR A 155 1.11 5.84 2.64
CA THR A 155 0.26 5.75 1.44
C THR A 155 0.84 6.67 0.36
N PHE A 156 1.18 6.09 -0.80
CA PHE A 156 1.52 6.85 -2.01
C PHE A 156 0.39 6.73 -3.01
N ALA A 157 -0.06 7.87 -3.48
CA ALA A 157 -0.85 7.97 -4.72
C ALA A 157 0.01 7.55 -5.91
N PRO A 158 -0.59 7.51 -7.12
CA PRO A 158 0.20 7.18 -8.30
C PRO A 158 1.34 8.19 -8.51
N ARG A 159 2.42 7.69 -9.07
CA ARG A 159 3.45 8.52 -9.70
C ARG A 159 4.15 9.39 -8.65
N VAL A 160 4.27 8.87 -7.44
CA VAL A 160 5.12 9.57 -6.44
C VAL A 160 6.57 9.30 -6.76
N SER A 161 7.39 10.37 -6.74
CA SER A 161 8.86 10.29 -6.95
C SER A 161 9.53 10.51 -5.61
N CYS A 162 9.73 9.43 -4.86
CA CYS A 162 10.44 9.49 -3.57
C CYS A 162 11.91 9.16 -3.82
N ASN A 163 12.71 10.20 -3.89
CA ASN A 163 14.16 10.07 -4.17
C ASN A 163 14.92 9.45 -2.98
N GLY A 164 16.25 9.38 -3.10
CA GLY A 164 17.02 8.66 -2.09
C GLY A 164 17.15 9.37 -0.76
N ASN A 165 17.49 8.61 0.29
CA ASN A 165 17.79 9.17 1.63
C ASN A 165 16.61 10.01 2.14
N ILE A 166 15.40 9.52 1.96
CA ILE A 166 14.16 10.09 2.51
C ILE A 166 13.63 9.13 3.57
N HIS A 167 13.23 9.70 4.71
CA HIS A 167 12.57 8.96 5.82
C HIS A 167 11.14 9.43 5.93
N ILE A 168 10.17 8.58 5.61
CA ILE A 168 8.74 8.96 5.68
C ILE A 168 8.15 8.26 6.90
N HIS A 169 7.67 9.05 7.85
CA HIS A 169 7.17 8.49 9.11
C HIS A 169 5.74 7.97 8.95
N ASP A 170 5.25 7.33 9.99
CA ASP A 170 4.00 6.56 9.90
C ASP A 170 2.83 7.42 9.45
N HIS A 171 1.92 6.81 8.66
CA HIS A 171 0.62 7.39 8.28
C HIS A 171 0.76 8.63 7.38
N ALA A 172 1.95 8.93 6.87
CA ALA A 172 2.03 10.02 5.89
C ALA A 172 1.29 9.62 4.59
N TYR A 173 0.85 10.62 3.87
CA TYR A 173 0.17 10.44 2.57
C TYR A 173 0.92 11.29 1.57
N ILE A 174 1.30 10.72 0.42
CA ILE A 174 2.01 11.49 -0.63
C ILE A 174 1.14 11.46 -1.89
N GLY A 175 0.71 12.61 -2.36
CA GLY A 175 -0.26 12.73 -3.46
C GLY A 175 0.30 12.56 -4.84
N THR A 176 -0.63 12.51 -5.80
CA THR A 176 -0.32 12.08 -7.18
C THR A 176 0.79 12.96 -7.75
N GLY A 177 1.84 12.34 -8.29
CA GLY A 177 2.89 13.07 -9.02
C GLY A 177 3.75 13.94 -8.15
N ALA A 178 3.65 13.88 -6.84
CA ALA A 178 4.52 14.68 -5.99
C ALA A 178 5.96 14.22 -6.20
N VAL A 179 6.86 15.17 -6.07
CA VAL A 179 8.33 14.93 -6.19
CA VAL A 179 8.32 14.88 -6.19
C VAL A 179 8.98 15.34 -4.90
N ILE A 180 9.87 14.50 -4.36
CA ILE A 180 10.54 14.83 -3.09
C ILE A 180 12.03 14.80 -3.34
N LYS A 181 12.70 15.89 -3.02
CA LYS A 181 14.16 15.99 -3.15
C LYS A 181 14.86 14.90 -2.32
N GLN A 182 15.98 14.41 -2.82
CA GLN A 182 16.79 13.46 -2.04
C GLN A 182 17.32 14.13 -0.77
N GLY A 183 17.47 13.33 0.26
CA GLY A 183 18.31 13.70 1.41
C GLY A 183 19.76 13.40 1.13
N THR A 184 20.55 13.44 2.19
CA THR A 184 21.96 12.98 2.15
C THR A 184 22.11 11.93 3.23
N PRO A 185 23.19 11.11 3.21
CA PRO A 185 23.43 10.20 4.33
C PRO A 185 23.51 10.92 5.69
N ASP A 186 24.10 12.12 5.75
CA ASP A 186 24.21 12.89 7.01
C ASP A 186 22.88 13.52 7.41
N LYS A 187 22.00 13.81 6.45
CA LYS A 187 20.72 14.47 6.74
C LYS A 187 19.64 13.90 5.80
N PRO A 188 19.05 12.77 6.19
CA PRO A 188 17.87 12.29 5.47
C PRO A 188 16.78 13.36 5.49
N LEU A 189 16.06 13.50 4.38
CA LEU A 189 14.92 14.43 4.30
C LEU A 189 13.74 13.72 4.95
N ILE A 190 13.14 14.30 5.97
CA ILE A 190 12.07 13.64 6.75
C ILE A 190 10.72 14.19 6.29
N ILE A 191 9.77 13.27 6.06
CA ILE A 191 8.32 13.60 5.96
C ILE A 191 7.71 13.09 7.28
N GLY A 192 7.15 14.02 8.04
CA GLY A 192 6.75 13.72 9.43
C GLY A 192 5.52 12.86 9.49
N LYS A 193 5.27 12.35 10.67
CA LYS A 193 4.13 11.45 10.96
C LYS A 193 2.81 12.13 10.54
N GLY A 194 1.97 11.43 9.77
CA GLY A 194 0.65 11.95 9.38
C GLY A 194 0.71 13.19 8.53
N ALA A 195 1.84 13.50 7.92
CA ALA A 195 1.88 14.63 6.97
C ALA A 195 1.13 14.28 5.67
N ILE A 196 0.63 15.29 5.01
CA ILE A 196 -0.05 15.14 3.71
C ILE A 196 0.72 16.00 2.74
N VAL A 197 1.24 15.37 1.70
CA VAL A 197 1.90 16.06 0.59
C VAL A 197 0.94 16.06 -0.58
N GLY A 198 0.51 17.23 -1.02
CA GLY A 198 -0.52 17.35 -2.05
C GLY A 198 -0.10 16.88 -3.43
N MET A 199 -1.07 16.49 -4.26
CA MET A 199 -0.85 16.22 -5.71
CA MET A 199 -0.76 16.14 -5.65
C MET A 199 0.10 17.26 -6.28
N GLY A 200 1.13 16.89 -7.01
CA GLY A 200 2.00 17.81 -7.77
C GLY A 200 2.96 18.62 -6.90
N ALA A 201 2.99 18.41 -5.59
CA ALA A 201 3.86 19.21 -4.71
C ALA A 201 5.30 18.90 -5.05
N VAL A 202 6.13 19.91 -4.95
CA VAL A 202 7.59 19.80 -5.20
C VAL A 202 8.26 20.07 -3.85
N VAL A 203 8.63 19.04 -3.16
CA VAL A 203 9.08 19.09 -1.75
C VAL A 203 10.60 19.17 -1.79
N THR A 204 11.15 20.27 -1.23
CA THR A 204 12.61 20.49 -1.21
C THR A 204 13.16 20.56 0.21
N LYS A 205 12.32 20.45 1.22
CA LYS A 205 12.73 20.52 2.63
C LYS A 205 11.90 19.57 3.48
N GLU A 206 12.34 19.34 4.71
CA GLU A 206 11.65 18.51 5.72
C GLU A 206 10.19 18.99 5.84
N VAL A 207 9.26 18.05 5.90
CA VAL A 207 7.84 18.35 6.15
C VAL A 207 7.52 17.98 7.58
N PRO A 208 7.02 18.95 8.39
CA PRO A 208 6.69 18.62 9.78
C PRO A 208 5.57 17.59 9.90
N ALA A 209 5.56 16.86 11.02
CA ALA A 209 4.45 15.96 11.39
C ALA A 209 3.13 16.71 11.33
N GLY A 210 2.13 16.11 10.70
CA GLY A 210 0.77 16.64 10.63
C GLY A 210 0.66 17.82 9.71
N ALA A 211 1.70 18.23 9.00
CA ALA A 211 1.62 19.36 8.06
C ALA A 211 0.90 18.93 6.77
N VAL A 212 0.23 19.86 6.12
CA VAL A 212 -0.32 19.69 4.76
C VAL A 212 0.43 20.66 3.86
N VAL A 213 1.08 20.15 2.81
CA VAL A 213 1.94 21.00 1.95
C VAL A 213 1.48 20.84 0.51
N ILE A 214 1.49 21.92 -0.24
CA ILE A 214 1.06 21.96 -1.65
C ILE A 214 2.00 22.88 -2.40
N GLY A 215 2.03 22.70 -3.70
CA GLY A 215 2.59 23.68 -4.61
C GLY A 215 4.01 23.42 -5.03
N ASN A 216 4.47 24.31 -5.89
CA ASN A 216 5.84 24.32 -6.42
C ASN A 216 6.44 25.71 -6.21
N PRO A 217 7.34 25.87 -5.21
CA PRO A 217 7.71 24.84 -4.27
C PRO A 217 6.67 24.59 -3.18
N ALA A 218 6.78 23.47 -2.48
CA ALA A 218 5.77 23.09 -1.46
C ALA A 218 5.75 24.16 -0.37
N ARG A 219 4.55 24.51 0.06
CA ARG A 219 4.31 25.43 1.20
C ARG A 219 3.19 24.87 2.06
N LEU A 220 3.05 25.30 3.31
CA LEU A 220 1.87 24.91 4.13
C LEU A 220 0.58 25.41 3.49
N LEU A 221 -0.48 24.60 3.49
CA LEU A 221 -1.78 24.93 2.85
C LEU A 221 -2.62 25.73 3.88
#